data_6V33
#
_entry.id   6V33
#
_cell.length_a   90.364
_cell.length_b   90.364
_cell.length_c   124.647
_cell.angle_alpha   90.000
_cell.angle_beta   90.000
_cell.angle_gamma   120.000
#
_symmetry.space_group_name_H-M   'P 32 2 1'
#
loop_
_entity.id
_entity.type
_entity.pdbx_description
1 polymer 'dTDP-4-amino-4,6-dideoxyglucose formyltransferase'
2 non-polymer dTDP-4-amino-4,6-dideoxyglucose
3 non-polymer 'FOLIC ACID'
4 non-polymer 1,2-ETHANEDIOL
5 water water
#
_entity_poly.entity_id   1
_entity_poly.type   'polypeptide(L)'
_entity_poly.pdbx_seq_one_letter_code
;MKLTENTQPHSPIRLLVVSDNKPLSATLLQCIEALAGDLTVDVDLRYTAYNHTPQSMVDLGARVIDVKDESVVDLIIEHY
DLVLSVHCKQLFPKRLVEGVRCINFHPGFNPFNRGWYPQAFSILNGLPAGATIHVMDEAIDHGHIIVQRQVEVGSGDTSL
EVYNKVVEVEKALMHECLADILQGQYEVFKPLSEGNYNGIKAYNELCQLDLEETGSLRDHINLLRATSHGDFKNAYFIDE
SGDKYFIKVVLEKALRHHHHHH
;
_entity_poly.pdbx_strand_id   A,B
#
# COMPACT_ATOMS: atom_id res chain seq x y z
N PRO A 12 -30.16 40.86 -8.88
CA PRO A 12 -30.32 39.38 -9.02
C PRO A 12 -29.22 38.69 -9.85
N ILE A 13 -28.10 38.33 -9.23
CA ILE A 13 -26.86 37.85 -9.93
C ILE A 13 -27.15 36.50 -10.61
N ARG A 14 -26.95 36.44 -11.92
CA ARG A 14 -27.17 35.19 -12.70
C ARG A 14 -25.84 34.44 -12.75
N LEU A 15 -25.75 33.32 -12.01
CA LEU A 15 -24.52 32.53 -11.82
C LEU A 15 -24.63 31.18 -12.51
N LEU A 16 -23.65 30.87 -13.34
CA LEU A 16 -23.44 29.55 -13.91
C LEU A 16 -22.27 28.94 -13.11
N VAL A 17 -22.47 27.77 -12.51
CA VAL A 17 -21.34 27.01 -11.90
C VAL A 17 -21.04 25.81 -12.78
N VAL A 18 -19.79 25.66 -13.17
CA VAL A 18 -19.39 24.56 -14.05
C VAL A 18 -18.42 23.73 -13.22
N SER A 19 -18.83 22.50 -12.87
CA SER A 19 -18.10 21.67 -11.87
C SER A 19 -18.23 20.20 -12.22
N ASP A 20 -17.11 19.46 -12.08
CA ASP A 20 -17.11 17.99 -12.13
C ASP A 20 -16.86 17.40 -10.74
N ASN A 21 -17.02 18.19 -9.67
CA ASN A 21 -16.72 17.77 -8.27
C ASN A 21 -17.96 17.95 -7.40
N LYS A 22 -18.57 16.83 -6.93
CA LYS A 22 -19.82 16.87 -6.15
C LYS A 22 -19.59 17.59 -4.81
N PRO A 23 -18.60 17.22 -3.99
CA PRO A 23 -18.53 17.77 -2.63
C PRO A 23 -18.31 19.29 -2.64
N LEU A 24 -17.43 19.81 -3.52
CA LEU A 24 -17.20 21.27 -3.68
C LEU A 24 -18.45 21.96 -4.23
N SER A 25 -19.14 21.36 -5.21
CA SER A 25 -20.42 21.90 -5.74
C SER A 25 -21.44 21.94 -4.60
N ALA A 26 -21.56 20.89 -3.81
CA ALA A 26 -22.53 20.85 -2.68
C ALA A 26 -22.18 21.97 -1.71
N THR A 27 -20.91 22.13 -1.35
CA THR A 27 -20.47 23.22 -0.45
C THR A 27 -20.84 24.57 -1.06
N LEU A 28 -20.58 24.73 -2.36
CA LEU A 28 -20.82 26.05 -3.01
C LEU A 28 -22.32 26.36 -2.95
N LEU A 29 -23.19 25.41 -3.30
CA LEU A 29 -24.68 25.58 -3.26
C LEU A 29 -25.14 25.97 -1.85
N GLN A 30 -24.54 25.37 -0.81
CA GLN A 30 -24.87 25.64 0.61
C GLN A 30 -24.44 27.06 0.99
N CYS A 31 -23.24 27.49 0.58
CA CYS A 31 -22.75 28.88 0.84
C CYS A 31 -23.69 29.90 0.18
N ILE A 32 -24.14 29.63 -1.04
CA ILE A 32 -25.03 30.54 -1.80
C ILE A 32 -26.38 30.59 -1.07
N GLU A 33 -26.95 29.42 -0.71
CA GLU A 33 -28.24 29.33 0.02
C GLU A 33 -28.11 30.11 1.34
N ALA A 34 -26.97 30.04 2.02
CA ALA A 34 -26.77 30.75 3.31
C ALA A 34 -26.67 32.28 3.09
N LEU A 35 -26.45 32.75 1.87
CA LEU A 35 -26.31 34.22 1.57
C LEU A 35 -27.65 34.80 1.08
N ALA A 36 -28.63 33.94 0.80
CA ALA A 36 -29.93 34.33 0.17
C ALA A 36 -30.67 35.37 1.04
N GLY A 37 -30.13 35.74 2.21
CA GLY A 37 -30.70 36.79 3.07
C GLY A 37 -30.29 38.18 2.62
N ASP A 38 -29.12 38.32 2.00
CA ASP A 38 -28.46 39.63 1.72
C ASP A 38 -28.22 39.79 0.21
N LEU A 39 -28.43 38.75 -0.59
CA LEU A 39 -27.89 38.69 -1.97
C LEU A 39 -28.69 37.64 -2.71
N THR A 40 -29.40 38.06 -3.74
CA THR A 40 -30.24 37.13 -4.54
C THR A 40 -29.36 36.60 -5.66
N VAL A 41 -29.23 35.29 -5.75
CA VAL A 41 -28.43 34.59 -6.79
C VAL A 41 -29.33 33.54 -7.42
N ASP A 42 -29.44 33.57 -8.75
CA ASP A 42 -30.03 32.48 -9.54
C ASP A 42 -28.90 31.59 -10.04
N VAL A 43 -28.82 30.35 -9.57
CA VAL A 43 -27.67 29.46 -9.87
C VAL A 43 -28.10 28.43 -10.91
N ASP A 44 -27.31 28.25 -11.95
CA ASP A 44 -27.36 26.99 -12.75
C ASP A 44 -26.10 26.22 -12.46
N LEU A 45 -26.27 24.91 -12.25
CA LEU A 45 -25.14 24.00 -12.00
C LEU A 45 -25.01 23.08 -13.18
N ARG A 46 -23.80 22.93 -13.72
CA ARG A 46 -23.52 22.06 -14.89
CA ARG A 46 -23.54 22.04 -14.87
C ARG A 46 -22.21 21.31 -14.66
N TYR A 47 -22.08 20.15 -15.27
CA TYR A 47 -20.85 19.34 -15.29
C TYR A 47 -20.49 19.23 -16.75
N THR A 48 -19.33 18.68 -17.06
CA THR A 48 -18.80 18.76 -18.43
C THR A 48 -18.80 17.38 -19.08
N ALA A 49 -18.62 17.42 -20.41
CA ALA A 49 -18.65 16.28 -21.34
C ALA A 49 -17.57 15.27 -20.94
N TYR A 50 -16.47 15.74 -20.36
CA TYR A 50 -15.36 14.86 -19.95
C TYR A 50 -15.77 14.05 -18.71
N ASN A 51 -16.79 14.48 -17.97
CA ASN A 51 -17.24 13.71 -16.79
C ASN A 51 -17.75 12.34 -17.29
N HIS A 52 -16.91 11.32 -17.17
CA HIS A 52 -17.24 9.92 -17.54
C HIS A 52 -18.25 9.33 -16.55
N THR A 53 -18.39 9.92 -15.36
CA THR A 53 -19.12 9.34 -14.20
C THR A 53 -19.89 10.43 -13.46
N PRO A 54 -20.94 10.94 -14.12
CA PRO A 54 -21.61 12.16 -13.67
C PRO A 54 -22.80 12.06 -12.71
N GLN A 55 -23.09 10.88 -12.16
CA GLN A 55 -24.40 10.66 -11.47
C GLN A 55 -24.43 11.48 -10.18
N SER A 56 -23.28 11.60 -9.49
CA SER A 56 -23.18 12.35 -8.22
C SER A 56 -23.47 13.83 -8.46
N MET A 57 -23.01 14.37 -9.61
CA MET A 57 -23.41 15.74 -10.04
C MET A 57 -24.91 15.75 -10.41
N VAL A 58 -25.40 14.76 -11.18
CA VAL A 58 -26.85 14.74 -11.55
C VAL A 58 -27.69 14.77 -10.27
N ASP A 59 -27.25 14.08 -9.21
CA ASP A 59 -27.97 14.00 -7.90
C ASP A 59 -28.12 15.39 -7.28
N LEU A 60 -27.20 16.32 -7.61
CA LEU A 60 -27.27 17.75 -7.16
C LEU A 60 -28.14 18.59 -8.09
N GLY A 61 -28.71 18.03 -9.16
CA GLY A 61 -29.59 18.75 -10.11
C GLY A 61 -28.85 19.25 -11.32
N ALA A 62 -27.61 18.82 -11.52
CA ALA A 62 -26.76 19.33 -12.63
C ALA A 62 -27.15 18.63 -13.94
N ARG A 63 -26.78 19.20 -15.09
CA ARG A 63 -26.71 18.42 -16.36
CA ARG A 63 -26.77 18.50 -16.41
C ARG A 63 -25.51 18.92 -17.15
N VAL A 64 -25.26 18.29 -18.31
CA VAL A 64 -23.99 18.45 -19.05
C VAL A 64 -23.98 19.83 -19.73
N ILE A 65 -22.79 20.40 -19.93
CA ILE A 65 -22.56 21.61 -20.78
C ILE A 65 -21.26 21.33 -21.52
N ASP A 66 -21.22 21.72 -22.80
CA ASP A 66 -19.99 21.71 -23.59
C ASP A 66 -19.58 23.18 -23.75
N VAL A 67 -18.61 23.59 -22.96
CA VAL A 67 -18.23 25.02 -22.83
C VAL A 67 -17.48 25.45 -24.09
N LYS A 68 -17.00 24.50 -24.90
CA LYS A 68 -16.29 24.77 -26.17
C LYS A 68 -17.28 24.96 -27.32
N ASP A 69 -18.56 24.60 -27.14
CA ASP A 69 -19.61 24.77 -28.18
C ASP A 69 -19.89 26.28 -28.40
N GLU A 70 -19.74 26.80 -29.63
CA GLU A 70 -19.86 28.26 -29.89
C GLU A 70 -21.25 28.79 -29.49
N SER A 71 -22.35 28.07 -29.74
CA SER A 71 -23.72 28.50 -29.34
C SER A 71 -23.84 28.52 -27.82
N VAL A 72 -23.27 27.55 -27.11
CA VAL A 72 -23.24 27.60 -25.63
C VAL A 72 -22.50 28.87 -25.19
N VAL A 73 -21.34 29.17 -25.80
CA VAL A 73 -20.60 30.43 -25.45
C VAL A 73 -21.53 31.64 -25.62
N ASP A 74 -22.16 31.78 -26.78
CA ASP A 74 -23.13 32.89 -27.02
C ASP A 74 -24.10 32.95 -25.85
N LEU A 75 -24.66 31.80 -25.49
CA LEU A 75 -25.81 31.74 -24.57
C LEU A 75 -25.29 32.05 -23.17
N ILE A 76 -24.05 31.66 -22.85
CA ILE A 76 -23.53 31.91 -21.46
C ILE A 76 -23.36 33.43 -21.29
N ILE A 77 -22.73 34.08 -22.27
CA ILE A 77 -22.47 35.54 -22.27
C ILE A 77 -23.79 36.27 -22.16
N GLU A 78 -24.86 35.73 -22.76
CA GLU A 78 -26.21 36.34 -22.76
C GLU A 78 -26.85 36.14 -21.36
N HIS A 79 -26.84 34.92 -20.83
CA HIS A 79 -27.70 34.51 -19.69
C HIS A 79 -27.00 34.69 -18.33
N TYR A 80 -25.68 34.95 -18.24
CA TYR A 80 -25.02 34.92 -16.90
C TYR A 80 -24.16 36.15 -16.65
N ASP A 81 -24.15 36.62 -15.40
CA ASP A 81 -23.29 37.74 -14.92
C ASP A 81 -21.88 37.25 -14.55
N LEU A 82 -21.69 35.95 -14.30
CA LEU A 82 -20.48 35.39 -13.64
C LEU A 82 -20.50 33.88 -13.85
N VAL A 83 -19.37 33.30 -14.20
CA VAL A 83 -19.19 31.84 -14.28
C VAL A 83 -18.13 31.44 -13.25
N LEU A 84 -18.48 30.48 -12.38
CA LEU A 84 -17.51 29.82 -11.45
C LEU A 84 -17.19 28.43 -12.00
N SER A 85 -15.90 28.21 -12.26
CA SER A 85 -15.30 26.90 -12.59
C SER A 85 -14.84 26.27 -11.28
N VAL A 86 -15.41 25.11 -10.90
CA VAL A 86 -14.96 24.38 -9.69
C VAL A 86 -14.55 22.98 -10.08
N HIS A 87 -13.26 22.75 -10.32
CA HIS A 87 -12.67 21.42 -10.64
C HIS A 87 -13.42 20.94 -11.87
N CYS A 88 -13.37 21.80 -12.86
CA CYS A 88 -14.03 21.64 -14.17
C CYS A 88 -13.00 21.01 -15.11
N LYS A 89 -13.39 20.00 -15.87
CA LYS A 89 -12.47 19.18 -16.71
C LYS A 89 -12.32 19.77 -18.12
N GLN A 90 -12.85 20.96 -18.39
CA GLN A 90 -12.85 21.49 -19.79
C GLN A 90 -12.20 22.90 -19.81
N LEU A 91 -11.39 23.16 -20.84
CA LEU A 91 -10.74 24.47 -21.10
C LEU A 91 -11.82 25.45 -21.54
N PHE A 92 -11.99 26.57 -20.84
CA PHE A 92 -12.95 27.59 -21.32
C PHE A 92 -12.29 28.23 -22.54
N PRO A 93 -12.98 28.38 -23.69
CA PRO A 93 -12.35 29.06 -24.83
C PRO A 93 -12.18 30.58 -24.58
N LYS A 94 -11.28 31.16 -25.35
CA LYS A 94 -10.91 32.60 -25.35
C LYS A 94 -12.16 33.49 -25.35
N ARG A 95 -13.10 33.27 -26.25
CA ARG A 95 -14.25 34.21 -26.42
C ARG A 95 -15.08 34.14 -25.13
N LEU A 96 -15.09 33.00 -24.41
CA LEU A 96 -15.91 32.85 -23.18
C LEU A 96 -15.25 33.64 -22.06
N VAL A 97 -13.95 33.43 -21.79
CA VAL A 97 -13.28 34.09 -20.64
C VAL A 97 -13.15 35.60 -20.90
N GLU A 98 -13.08 36.03 -22.16
CA GLU A 98 -13.07 37.47 -22.48
C GLU A 98 -14.49 38.04 -22.56
N GLY A 99 -15.54 37.20 -22.58
CA GLY A 99 -16.93 37.66 -22.84
C GLY A 99 -17.72 37.86 -21.57
N VAL A 100 -17.33 37.19 -20.49
CA VAL A 100 -18.02 37.27 -19.19
C VAL A 100 -16.99 37.00 -18.10
N ARG A 101 -17.23 37.46 -16.88
CA ARG A 101 -16.30 37.21 -15.75
C ARG A 101 -16.34 35.72 -15.43
N CYS A 102 -15.20 35.03 -15.60
CA CYS A 102 -14.97 33.59 -15.28
C CYS A 102 -13.87 33.46 -14.22
N ILE A 103 -14.21 32.81 -13.11
CA ILE A 103 -13.34 32.62 -11.90
C ILE A 103 -13.22 31.12 -11.66
N ASN A 104 -11.98 30.64 -11.52
CA ASN A 104 -11.65 29.21 -11.34
C ASN A 104 -11.22 28.99 -9.88
N PHE A 105 -11.68 27.88 -9.29
CA PHE A 105 -11.20 27.31 -8.00
C PHE A 105 -10.27 26.17 -8.38
N HIS A 106 -8.97 26.40 -8.23
CA HIS A 106 -7.88 25.50 -8.64
C HIS A 106 -7.26 24.85 -7.40
N PRO A 107 -7.11 23.51 -7.38
CA PRO A 107 -6.55 22.85 -6.21
C PRO A 107 -5.03 22.85 -6.28
N GLY A 108 -4.43 24.01 -6.56
CA GLY A 108 -2.98 24.23 -6.56
C GLY A 108 -2.67 25.63 -6.08
N PHE A 109 -1.40 25.87 -5.72
CA PHE A 109 -0.94 27.23 -5.29
C PHE A 109 -0.25 27.89 -6.49
N ASN A 110 -1.01 28.67 -7.26
CA ASN A 110 -0.53 29.32 -8.50
C ASN A 110 0.63 30.25 -8.11
N PRO A 111 1.66 30.44 -8.94
CA PRO A 111 1.80 29.79 -10.27
C PRO A 111 2.55 28.45 -10.28
N PHE A 112 2.57 27.75 -9.16
CA PHE A 112 3.41 26.52 -8.97
C PHE A 112 2.58 25.26 -9.28
N ASN A 113 3.15 24.35 -10.06
CA ASN A 113 2.48 23.10 -10.53
C ASN A 113 1.07 23.44 -11.06
N ARG A 114 1.00 24.41 -11.98
CA ARG A 114 -0.28 24.67 -12.68
C ARG A 114 -0.62 23.35 -13.39
N GLY A 115 -1.86 23.18 -13.80
CA GLY A 115 -2.30 21.99 -14.54
C GLY A 115 -2.69 20.85 -13.61
N TRP A 116 -2.31 19.64 -14.02
CA TRP A 116 -2.89 18.34 -13.58
C TRP A 116 -2.32 17.94 -12.21
N TYR A 117 -3.19 17.67 -11.27
CA TYR A 117 -2.93 16.93 -10.00
C TYR A 117 -1.78 17.64 -9.31
N PRO A 118 -1.92 18.95 -9.00
CA PRO A 118 -0.78 19.72 -8.50
C PRO A 118 -0.07 19.11 -7.29
N GLN A 119 -0.84 18.58 -6.34
CA GLN A 119 -0.29 18.06 -5.06
C GLN A 119 0.63 16.86 -5.34
N ALA A 120 0.35 16.12 -6.41
CA ALA A 120 1.17 14.98 -6.87
C ALA A 120 2.54 15.50 -7.27
N PHE A 121 2.58 16.61 -8.02
CA PHE A 121 3.89 17.15 -8.44
C PHE A 121 4.56 17.78 -7.22
N SER A 122 3.79 18.41 -6.31
CA SER A 122 4.37 19.10 -5.13
C SER A 122 5.12 18.06 -4.26
N ILE A 123 4.58 16.85 -4.15
CA ILE A 123 5.26 15.73 -3.42
C ILE A 123 6.61 15.43 -4.08
N LEU A 124 6.68 15.36 -5.42
CA LEU A 124 7.95 15.16 -6.14
C LEU A 124 8.86 16.38 -6.08
N ASN A 125 8.36 17.61 -6.24
CA ASN A 125 9.31 18.72 -6.48
C ASN A 125 9.39 19.74 -5.35
N GLY A 126 8.59 19.68 -4.30
CA GLY A 126 8.76 20.56 -3.11
C GLY A 126 8.12 21.94 -3.32
N LEU A 127 7.49 22.18 -4.47
CA LEU A 127 6.83 23.47 -4.74
C LEU A 127 5.57 23.56 -3.90
N PRO A 128 5.13 24.78 -3.58
CA PRO A 128 3.97 24.95 -2.73
C PRO A 128 2.75 24.18 -3.26
N ALA A 129 2.00 23.62 -2.29
CA ALA A 129 0.69 22.98 -2.50
C ALA A 129 -0.34 23.91 -1.87
N GLY A 130 -1.58 23.84 -2.32
CA GLY A 130 -2.70 24.58 -1.70
C GLY A 130 -3.81 24.86 -2.68
N ALA A 131 -4.54 25.95 -2.49
CA ALA A 131 -5.70 26.27 -3.32
C ALA A 131 -5.64 27.75 -3.72
N THR A 132 -6.09 28.03 -4.94
CA THR A 132 -6.12 29.36 -5.56
C THR A 132 -7.49 29.59 -6.16
N ILE A 133 -8.06 30.73 -5.86
CA ILE A 133 -9.22 31.25 -6.63
C ILE A 133 -8.66 32.36 -7.51
N HIS A 134 -8.83 32.25 -8.82
CA HIS A 134 -8.20 33.18 -9.79
C HIS A 134 -9.14 33.47 -10.95
N VAL A 135 -8.99 34.66 -11.52
CA VAL A 135 -9.63 35.05 -12.78
C VAL A 135 -9.08 34.14 -13.87
N MET A 136 -9.97 33.66 -14.70
CA MET A 136 -9.64 32.82 -15.85
C MET A 136 -9.33 33.74 -17.03
N ASP A 137 -8.20 33.45 -17.66
CA ASP A 137 -7.79 34.05 -18.95
C ASP A 137 -7.76 32.86 -19.90
N GLU A 138 -7.23 33.05 -21.10
CA GLU A 138 -7.13 32.04 -22.18
C GLU A 138 -6.22 30.89 -21.77
N ALA A 139 -5.22 31.15 -20.94
CA ALA A 139 -4.17 30.16 -20.58
C ALA A 139 -4.67 29.38 -19.36
N ILE A 140 -4.02 28.27 -18.99
CA ILE A 140 -4.58 27.36 -17.95
C ILE A 140 -4.02 27.78 -16.60
N ASP A 141 -4.88 28.04 -15.62
CA ASP A 141 -4.49 28.28 -14.19
C ASP A 141 -3.46 29.41 -14.19
N HIS A 142 -3.81 30.55 -14.80
CA HIS A 142 -2.85 31.56 -15.29
C HIS A 142 -3.28 32.97 -14.93
N GLY A 143 -4.58 33.25 -14.81
CA GLY A 143 -5.07 34.62 -14.59
C GLY A 143 -4.88 35.15 -13.19
N HIS A 144 -5.21 36.43 -13.01
CA HIS A 144 -4.86 37.15 -11.78
C HIS A 144 -5.58 36.50 -10.58
N ILE A 145 -4.85 36.43 -9.48
CA ILE A 145 -5.24 35.67 -8.28
C ILE A 145 -6.10 36.57 -7.44
N ILE A 146 -7.23 36.03 -6.98
CA ILE A 146 -8.14 36.65 -5.98
C ILE A 146 -7.68 36.28 -4.56
N VAL A 147 -7.54 34.99 -4.24
CA VAL A 147 -7.06 34.56 -2.90
C VAL A 147 -6.45 33.18 -3.08
N GLN A 148 -5.41 32.89 -2.31
CA GLN A 148 -4.89 31.50 -2.23
C GLN A 148 -4.41 31.20 -0.81
N ARG A 149 -4.31 29.91 -0.48
CA ARG A 149 -3.82 29.44 0.81
C ARG A 149 -2.98 28.18 0.62
N GLN A 150 -1.83 28.13 1.28
CA GLN A 150 -0.89 27.00 1.16
C GLN A 150 -1.37 25.85 2.06
N VAL A 151 -1.09 24.62 1.67
CA VAL A 151 -1.19 23.44 2.57
C VAL A 151 0.23 22.87 2.71
N GLU A 152 0.58 22.43 3.91
CA GLU A 152 1.90 21.78 4.16
C GLU A 152 1.81 20.34 3.66
N VAL A 153 2.83 19.86 3.00
CA VAL A 153 2.96 18.45 2.58
C VAL A 153 3.76 17.74 3.67
N GLY A 154 3.16 16.79 4.38
CA GLY A 154 3.83 16.04 5.47
C GLY A 154 4.65 14.90 4.92
N SER A 155 5.67 14.45 5.64
CA SER A 155 6.63 13.39 5.19
C SER A 155 5.90 12.09 4.87
N GLY A 156 4.77 11.86 5.52
CA GLY A 156 3.97 10.63 5.46
C GLY A 156 2.88 10.71 4.40
N ASP A 157 2.73 11.87 3.77
CA ASP A 157 1.50 12.16 2.99
C ASP A 157 1.67 11.46 1.65
N THR A 158 0.58 10.91 1.13
CA THR A 158 0.53 10.60 -0.33
C THR A 158 -0.26 11.71 -1.03
N SER A 159 -0.45 11.58 -2.34
CA SER A 159 -1.37 12.43 -3.14
C SER A 159 -2.70 12.56 -2.42
N LEU A 160 -3.26 11.44 -1.89
CA LEU A 160 -4.59 11.46 -1.23
C LEU A 160 -4.62 12.44 -0.07
N GLU A 161 -3.65 12.39 0.85
CA GLU A 161 -3.75 13.20 2.10
C GLU A 161 -3.61 14.68 1.68
N VAL A 162 -2.65 15.00 0.79
CA VAL A 162 -2.45 16.43 0.42
C VAL A 162 -3.69 16.93 -0.32
N TYR A 163 -4.26 16.13 -1.23
CA TYR A 163 -5.48 16.50 -1.98
C TYR A 163 -6.64 16.78 -1.01
N ASN A 164 -6.85 15.95 0.00
CA ASN A 164 -7.99 16.12 0.94
C ASN A 164 -7.83 17.43 1.74
N LYS A 165 -6.60 17.80 2.08
CA LYS A 165 -6.30 19.08 2.81
C LYS A 165 -6.56 20.26 1.84
N VAL A 166 -6.16 20.13 0.58
CA VAL A 166 -6.50 21.16 -0.46
C VAL A 166 -8.01 21.32 -0.59
N VAL A 167 -8.77 20.23 -0.71
CA VAL A 167 -10.26 20.33 -0.80
C VAL A 167 -10.86 21.03 0.42
N GLU A 168 -10.35 20.78 1.64
CA GLU A 168 -10.90 21.42 2.86
CA GLU A 168 -10.92 21.43 2.85
C GLU A 168 -10.59 22.92 2.80
N VAL A 169 -9.40 23.27 2.35
CA VAL A 169 -9.02 24.71 2.24
C VAL A 169 -9.91 25.40 1.22
N GLU A 170 -10.18 24.76 0.08
CA GLU A 170 -11.12 25.34 -0.92
C GLU A 170 -12.46 25.58 -0.25
N LYS A 171 -12.98 24.63 0.54
CA LYS A 171 -14.29 24.85 1.21
C LYS A 171 -14.22 26.08 2.13
N ALA A 172 -13.10 26.26 2.82
CA ALA A 172 -12.87 27.39 3.76
C ALA A 172 -12.84 28.73 3.00
N LEU A 173 -12.22 28.75 1.82
CA LEU A 173 -12.15 29.96 0.97
C LEU A 173 -13.54 30.31 0.44
N MET A 174 -14.32 29.32 0.04
CA MET A 174 -15.70 29.53 -0.46
C MET A 174 -16.50 30.23 0.64
N HIS A 175 -16.43 29.70 1.85
CA HIS A 175 -17.17 30.21 3.02
C HIS A 175 -16.70 31.63 3.33
N GLU A 176 -15.40 31.87 3.24
CA GLU A 176 -14.80 33.15 3.67
CA GLU A 176 -14.77 33.14 3.65
C GLU A 176 -15.02 34.21 2.56
N CYS A 177 -14.98 33.81 1.29
CA CYS A 177 -14.84 34.80 0.18
C CYS A 177 -16.03 34.81 -0.78
N LEU A 178 -17.01 33.91 -0.65
CA LEU A 178 -17.95 33.77 -1.79
C LEU A 178 -18.76 35.07 -1.96
N ALA A 179 -19.11 35.77 -0.87
CA ALA A 179 -19.95 36.99 -0.93
C ALA A 179 -19.21 38.05 -1.75
N ASP A 180 -17.95 38.34 -1.40
CA ASP A 180 -17.06 39.26 -2.17
C ASP A 180 -16.91 38.83 -3.63
N ILE A 181 -16.65 37.55 -3.90
CA ILE A 181 -16.46 37.05 -5.30
C ILE A 181 -17.74 37.31 -6.09
N LEU A 182 -18.90 36.93 -5.56
CA LEU A 182 -20.17 37.17 -6.29
C LEU A 182 -20.31 38.66 -6.58
N GLN A 183 -19.93 39.55 -5.66
CA GLN A 183 -20.26 41.00 -5.79
C GLN A 183 -19.10 41.76 -6.45
N GLY A 184 -17.99 41.11 -6.80
CA GLY A 184 -16.84 41.78 -7.45
C GLY A 184 -16.05 42.64 -6.48
N GLN A 185 -16.26 42.43 -5.17
CA GLN A 185 -15.64 43.24 -4.09
C GLN A 185 -14.29 42.62 -3.72
N TYR A 186 -13.30 42.74 -4.61
CA TYR A 186 -11.92 42.24 -4.38
C TYR A 186 -10.96 42.90 -5.35
N GLU A 187 -9.69 42.88 -4.99
CA GLU A 187 -8.57 43.28 -5.88
C GLU A 187 -7.91 41.98 -6.33
N VAL A 188 -7.17 42.01 -7.43
CA VAL A 188 -6.50 40.80 -7.99
C VAL A 188 -4.99 41.06 -8.05
N PHE A 189 -4.17 40.03 -8.08
CA PHE A 189 -2.71 40.22 -8.19
C PHE A 189 -2.15 39.27 -9.24
N LYS A 190 -1.22 39.82 -10.02
CA LYS A 190 -0.50 39.09 -11.09
C LYS A 190 0.43 38.09 -10.40
N PRO A 191 0.44 36.82 -10.82
CA PRO A 191 1.39 35.86 -10.28
C PRO A 191 2.82 36.39 -10.48
N LEU A 192 3.77 36.04 -9.61
CA LEU A 192 5.09 36.72 -9.62
C LEU A 192 5.90 36.21 -10.81
N SER A 193 5.49 35.07 -11.39
CA SER A 193 6.09 34.49 -12.60
C SER A 193 5.07 33.60 -13.32
N GLU A 194 5.40 33.12 -14.51
CA GLU A 194 4.50 32.24 -15.29
C GLU A 194 4.33 30.93 -14.53
N GLY A 195 5.39 30.49 -13.87
CA GLY A 195 5.43 29.21 -13.13
C GLY A 195 5.45 28.04 -14.06
N ASN A 196 5.40 26.84 -13.51
CA ASN A 196 5.56 25.59 -14.26
C ASN A 196 4.17 24.97 -14.46
N TYR A 197 3.94 24.39 -15.63
CA TYR A 197 2.70 23.72 -16.03
C TYR A 197 2.98 22.22 -16.21
N ASN A 198 2.09 21.37 -15.70
CA ASN A 198 2.15 19.89 -15.85
C ASN A 198 0.88 19.44 -16.56
N GLY A 199 0.99 18.90 -17.77
CA GLY A 199 -0.15 18.31 -18.50
C GLY A 199 -0.39 16.88 -18.04
N ILE A 200 -1.49 16.27 -18.48
CA ILE A 200 -1.79 14.87 -18.13
C ILE A 200 -0.69 13.97 -18.69
N LYS A 201 -0.01 14.37 -19.77
CA LYS A 201 1.09 13.54 -20.33
C LYS A 201 2.20 13.41 -19.28
N ALA A 202 2.60 14.50 -18.64
CA ALA A 202 3.68 14.52 -17.63
C ALA A 202 3.25 13.58 -16.47
N TYR A 203 2.00 13.62 -16.04
CA TYR A 203 1.48 12.68 -15.00
C TYR A 203 1.57 11.23 -15.51
N ASN A 204 1.11 10.93 -16.72
CA ASN A 204 1.17 9.54 -17.26
C ASN A 204 2.61 9.07 -17.34
N GLU A 205 3.57 9.94 -17.60
CA GLU A 205 4.98 9.51 -17.60
C GLU A 205 5.42 9.21 -16.16
N LEU A 206 4.97 9.99 -15.16
CA LEU A 206 5.20 9.66 -13.72
C LEU A 206 4.71 8.25 -13.48
N CYS A 207 3.45 7.94 -13.86
CA CYS A 207 2.80 6.64 -13.62
C CYS A 207 3.56 5.48 -14.30
N GLN A 208 4.19 5.75 -15.45
CA GLN A 208 4.86 4.73 -16.29
C GLN A 208 6.26 4.52 -15.73
N LEU A 209 6.38 3.59 -14.77
CA LEU A 209 7.62 3.43 -14.00
C LEU A 209 8.64 2.82 -14.92
N ASP A 210 9.89 3.25 -14.75
CA ASP A 210 11.06 2.61 -15.40
C ASP A 210 11.85 1.84 -14.33
N LEU A 211 11.61 0.52 -14.23
CA LEU A 211 12.26 -0.42 -13.26
C LEU A 211 13.79 -0.37 -13.34
N GLU A 212 14.35 0.19 -14.41
CA GLU A 212 15.81 0.22 -14.65
C GLU A 212 16.35 1.55 -14.18
N GLU A 213 15.52 2.59 -14.07
CA GLU A 213 15.97 3.94 -13.64
C GLU A 213 16.62 3.83 -12.26
N THR A 214 17.67 4.63 -12.04
CA THR A 214 18.56 4.67 -10.86
C THR A 214 18.33 5.98 -10.12
N GLY A 215 18.24 5.94 -8.78
CA GLY A 215 18.04 7.15 -7.94
C GLY A 215 18.14 6.82 -6.46
N SER A 216 18.05 7.82 -5.60
CA SER A 216 17.98 7.63 -4.13
C SER A 216 16.67 6.94 -3.75
N LEU A 217 16.67 6.20 -2.62
CA LEU A 217 15.43 5.58 -2.08
C LEU A 217 14.40 6.70 -1.87
N ARG A 218 14.84 7.86 -1.37
CA ARG A 218 14.00 9.07 -1.17
C ARG A 218 13.24 9.42 -2.46
N ASP A 219 13.94 9.56 -3.60
CA ASP A 219 13.29 9.98 -4.88
C ASP A 219 12.27 8.94 -5.31
N HIS A 220 12.60 7.66 -5.15
CA HIS A 220 11.70 6.52 -5.49
C HIS A 220 10.50 6.46 -4.57
N ILE A 221 10.70 6.58 -3.27
CA ILE A 221 9.54 6.67 -2.36
C ILE A 221 8.71 7.89 -2.72
N ASN A 222 9.33 9.05 -2.97
CA ASN A 222 8.57 10.29 -3.32
C ASN A 222 7.76 10.05 -4.61
N LEU A 223 8.32 9.35 -5.59
CA LEU A 223 7.58 9.05 -6.86
C LEU A 223 6.36 8.22 -6.53
N LEU A 224 6.49 7.19 -5.69
CA LEU A 224 5.32 6.37 -5.31
C LEU A 224 4.35 7.19 -4.50
N ARG A 225 4.84 7.97 -3.53
CA ARG A 225 3.92 8.80 -2.73
C ARG A 225 3.14 9.72 -3.68
N ALA A 226 3.78 10.32 -4.67
CA ALA A 226 3.10 11.28 -5.62
C ALA A 226 1.97 10.58 -6.39
N THR A 227 2.12 9.27 -6.66
CA THR A 227 1.21 8.49 -7.53
C THR A 227 0.28 7.61 -6.71
N SER A 228 0.34 7.69 -5.38
CA SER A 228 -0.52 6.88 -4.52
C SER A 228 -1.72 7.72 -4.12
N HIS A 229 -2.91 7.28 -4.48
CA HIS A 229 -4.13 8.08 -4.22
C HIS A 229 -5.29 7.12 -3.97
N GLY A 230 -5.34 6.55 -2.78
CA GLY A 230 -6.45 5.65 -2.42
C GLY A 230 -6.54 4.53 -3.44
N ASP A 231 -7.74 4.28 -3.98
CA ASP A 231 -7.99 3.14 -4.91
C ASP A 231 -7.74 3.51 -6.38
N PHE A 232 -7.24 4.70 -6.70
CA PHE A 232 -6.89 4.99 -8.11
C PHE A 232 -5.72 4.09 -8.50
N LYS A 233 -5.81 3.53 -9.72
CA LYS A 233 -4.72 2.70 -10.33
C LYS A 233 -3.82 3.64 -11.12
N ASN A 234 -2.69 4.08 -10.55
CA ASN A 234 -1.82 5.10 -11.17
C ASN A 234 -0.52 4.44 -11.61
N ALA A 235 0.46 4.33 -10.72
CA ALA A 235 1.83 3.92 -11.11
C ALA A 235 1.76 2.42 -11.44
N TYR A 236 2.47 1.96 -12.47
CA TYR A 236 2.48 0.54 -12.93
C TYR A 236 3.88 0.21 -13.46
N PHE A 237 4.26 -1.07 -13.34
CA PHE A 237 5.37 -1.65 -14.12
C PHE A 237 4.78 -2.84 -14.90
N ILE A 238 5.48 -3.25 -15.94
CA ILE A 238 5.10 -4.45 -16.74
C ILE A 238 6.30 -5.37 -16.66
N ASP A 239 6.08 -6.61 -16.25
CA ASP A 239 7.16 -7.59 -15.94
C ASP A 239 7.59 -8.34 -17.22
N GLU A 240 8.46 -9.36 -17.06
CA GLU A 240 9.06 -10.19 -18.15
C GLU A 240 8.01 -10.81 -19.09
N SER A 241 6.81 -11.13 -18.59
CA SER A 241 5.73 -11.87 -19.30
C SER A 241 4.66 -10.91 -19.84
N GLY A 242 4.94 -9.60 -19.75
CA GLY A 242 4.01 -8.54 -20.18
C GLY A 242 2.79 -8.48 -19.29
N ASP A 243 2.92 -8.87 -18.02
CA ASP A 243 1.85 -8.59 -17.02
C ASP A 243 2.12 -7.22 -16.38
N LYS A 244 1.08 -6.38 -16.41
CA LYS A 244 0.99 -5.01 -15.85
C LYS A 244 0.52 -5.11 -14.39
N TYR A 245 1.31 -4.54 -13.46
CA TYR A 245 0.94 -4.46 -12.03
C TYR A 245 0.91 -2.99 -11.61
N PHE A 246 -0.18 -2.57 -11.00
CA PHE A 246 -0.30 -1.26 -10.31
C PHE A 246 0.37 -1.43 -8.94
N ILE A 247 1.11 -0.40 -8.49
CA ILE A 247 1.79 -0.34 -7.17
C ILE A 247 1.50 1.03 -6.51
N LYS A 248 1.26 1.03 -5.22
CA LYS A 248 1.12 2.26 -4.43
C LYS A 248 1.81 2.02 -3.11
N VAL A 249 2.07 3.09 -2.37
CA VAL A 249 2.66 2.96 -1.02
C VAL A 249 1.55 3.33 -0.04
N VAL A 250 1.63 2.76 1.15
CA VAL A 250 0.78 3.12 2.31
C VAL A 250 1.77 3.43 3.42
N LEU A 251 1.53 4.54 4.12
CA LEU A 251 2.42 5.06 5.20
C LEU A 251 1.58 5.24 6.46
N GLU A 252 2.24 5.16 7.60
CA GLU A 252 1.60 5.23 8.93
C GLU A 252 2.65 5.81 9.84
N LYS A 253 2.36 6.96 10.44
CA LYS A 253 3.19 7.53 11.54
C LYS A 253 3.30 6.48 12.65
N ALA A 254 4.51 6.19 13.09
CA ALA A 254 4.76 5.31 14.25
C ALA A 254 4.20 5.97 15.51
N LEU A 255 3.58 5.20 16.42
CA LEU A 255 3.04 5.70 17.72
C LEU A 255 4.23 6.29 18.47
N ARG A 256 4.10 7.46 19.11
CA ARG A 256 5.18 8.14 19.86
C ARG A 256 5.03 7.73 21.33
N HIS A 257 6.12 7.27 21.97
CA HIS A 257 6.16 6.69 23.34
C HIS A 257 7.33 7.33 24.12
N SER B 11 1.41 -50.67 20.76
CA SER B 11 2.39 -49.59 21.08
C SER B 11 2.20 -48.40 20.13
N PRO B 12 1.36 -47.39 20.47
CA PRO B 12 1.14 -46.21 19.60
C PRO B 12 2.34 -45.23 19.57
N ILE B 13 2.59 -44.60 18.43
CA ILE B 13 3.74 -43.67 18.19
C ILE B 13 3.59 -42.51 19.17
N ARG B 14 4.58 -42.28 20.05
CA ARG B 14 4.57 -41.14 21.01
CA ARG B 14 4.57 -41.14 21.01
C ARG B 14 5.16 -39.91 20.31
N LEU B 15 4.29 -38.99 19.86
CA LEU B 15 4.71 -37.84 19.02
C LEU B 15 4.62 -36.57 19.86
N LEU B 16 5.72 -35.81 19.89
CA LEU B 16 5.77 -34.42 20.38
C LEU B 16 5.72 -33.52 19.16
N VAL B 17 4.67 -32.69 19.09
CA VAL B 17 4.59 -31.56 18.13
C VAL B 17 4.89 -30.28 18.89
N VAL B 18 6.00 -29.63 18.56
CA VAL B 18 6.33 -28.25 19.06
C VAL B 18 6.05 -27.26 17.94
N SER B 19 5.14 -26.34 18.19
CA SER B 19 4.63 -25.38 17.17
C SER B 19 4.21 -24.06 17.84
N ASP B 20 4.52 -22.95 17.19
CA ASP B 20 3.93 -21.64 17.57
C ASP B 20 2.96 -21.19 16.46
N ASN B 21 2.52 -22.09 15.58
CA ASN B 21 1.61 -21.68 14.46
C ASN B 21 0.30 -22.46 14.58
N LYS B 22 -0.84 -21.76 14.72
CA LYS B 22 -2.13 -22.45 14.95
C LYS B 22 -2.61 -23.11 13.64
N PRO B 23 -2.67 -22.40 12.52
CA PRO B 23 -3.22 -23.02 11.31
C PRO B 23 -2.47 -24.30 10.90
N LEU B 24 -1.14 -24.27 10.93
CA LEU B 24 -0.35 -25.43 10.52
C LEU B 24 -0.58 -26.56 11.55
N SER B 25 -0.71 -26.21 12.83
CA SER B 25 -0.96 -27.18 13.92
C SER B 25 -2.34 -27.79 13.76
N ALA B 26 -3.33 -26.95 13.44
CA ALA B 26 -4.71 -27.36 13.13
C ALA B 26 -4.67 -28.40 12.00
N THR B 27 -3.97 -28.11 10.92
CA THR B 27 -3.91 -29.00 9.72
C THR B 27 -3.23 -30.31 10.11
N LEU B 28 -2.23 -30.24 10.99
CA LEU B 28 -1.45 -31.44 11.38
C LEU B 28 -2.38 -32.35 12.19
N LEU B 29 -3.04 -31.81 13.21
CA LEU B 29 -3.97 -32.60 14.04
C LEU B 29 -5.02 -33.23 13.09
N GLN B 30 -5.45 -32.52 12.05
CA GLN B 30 -6.53 -33.00 11.15
C GLN B 30 -6.00 -34.20 10.35
N CYS B 31 -4.79 -34.08 9.77
CA CYS B 31 -4.10 -35.16 9.02
C CYS B 31 -3.90 -36.38 9.91
N ILE B 32 -3.69 -36.17 11.22
CA ILE B 32 -3.39 -37.25 12.21
C ILE B 32 -4.66 -38.08 12.44
N GLU B 33 -5.81 -37.44 12.69
CA GLU B 33 -7.09 -38.18 12.93
C GLU B 33 -7.59 -38.85 11.64
N ALA B 34 -7.22 -38.34 10.47
CA ALA B 34 -7.39 -39.01 9.15
C ALA B 34 -6.64 -40.36 9.12
N LEU B 35 -5.55 -40.52 9.87
CA LEU B 35 -4.79 -41.78 10.03
C LEU B 35 -5.34 -42.62 11.19
N ALA B 36 -6.20 -42.04 12.05
CA ALA B 36 -6.74 -42.66 13.28
C ALA B 36 -7.05 -44.13 13.01
N GLY B 37 -7.77 -44.39 11.91
CA GLY B 37 -8.13 -45.75 11.45
C GLY B 37 -6.94 -46.69 11.43
N ASP B 38 -5.89 -46.34 10.69
CA ASP B 38 -4.94 -47.30 10.08
C ASP B 38 -3.70 -47.46 10.97
N LEU B 39 -3.03 -46.34 11.27
CA LEU B 39 -1.84 -46.26 12.17
C LEU B 39 -2.14 -45.24 13.28
N THR B 40 -1.98 -45.64 14.54
CA THR B 40 -2.37 -44.84 15.73
C THR B 40 -1.18 -44.03 16.29
N VAL B 41 -1.48 -42.89 16.92
CA VAL B 41 -0.50 -41.86 17.39
C VAL B 41 -0.99 -41.25 18.70
N ASP B 42 -0.10 -41.11 19.68
CA ASP B 42 -0.28 -40.31 20.92
C ASP B 42 0.45 -38.96 20.74
N VAL B 43 -0.33 -37.88 20.58
CA VAL B 43 0.12 -36.48 20.30
C VAL B 43 0.22 -35.70 21.61
N ASP B 44 1.39 -35.12 21.93
CA ASP B 44 1.47 -33.96 22.87
C ASP B 44 1.77 -32.70 22.06
N LEU B 45 0.86 -31.72 22.09
CA LEU B 45 1.01 -30.43 21.36
C LEU B 45 1.54 -29.35 22.31
N ARG B 46 2.65 -28.72 21.95
CA ARG B 46 3.26 -27.67 22.82
C ARG B 46 3.63 -26.42 22.01
N TYR B 47 3.41 -25.26 22.60
CA TYR B 47 3.93 -23.94 22.14
C TYR B 47 5.17 -23.58 22.98
N THR B 48 6.11 -22.80 22.42
CA THR B 48 7.45 -22.58 23.03
C THR B 48 7.39 -21.46 24.07
N ALA B 49 8.35 -21.47 24.99
CA ALA B 49 8.46 -20.44 26.04
C ALA B 49 8.78 -19.06 25.41
N TYR B 50 9.20 -19.02 24.14
CA TYR B 50 9.44 -17.76 23.39
C TYR B 50 8.15 -17.24 22.75
N ASN B 51 7.00 -17.88 22.96
CA ASN B 51 5.68 -17.45 22.41
C ASN B 51 4.93 -16.63 23.46
N HIS B 52 4.92 -15.29 23.34
CA HIS B 52 4.32 -14.37 24.35
C HIS B 52 2.88 -14.07 23.97
N THR B 53 2.37 -14.58 22.85
CA THR B 53 0.94 -14.44 22.52
C THR B 53 0.40 -15.79 22.11
N PRO B 54 0.35 -16.78 23.03
CA PRO B 54 0.08 -18.17 22.70
C PRO B 54 -1.39 -18.57 22.75
N GLN B 55 -2.32 -17.60 22.76
CA GLN B 55 -3.76 -17.89 22.91
C GLN B 55 -4.21 -18.83 21.80
N SER B 56 -3.73 -18.64 20.56
CA SER B 56 -4.25 -19.40 19.40
C SER B 56 -3.77 -20.86 19.51
N MET B 57 -2.60 -21.10 20.11
CA MET B 57 -2.10 -22.48 20.39
C MET B 57 -2.83 -23.09 21.59
N VAL B 58 -3.13 -22.29 22.61
CA VAL B 58 -3.83 -22.74 23.85
C VAL B 58 -5.23 -23.23 23.42
N ASP B 59 -5.84 -22.56 22.45
CA ASP B 59 -7.17 -22.92 21.93
C ASP B 59 -7.12 -24.31 21.28
N LEU B 60 -5.92 -24.82 20.96
CA LEU B 60 -5.77 -26.14 20.30
C LEU B 60 -5.44 -27.22 21.33
N GLY B 61 -5.47 -26.87 22.61
CA GLY B 61 -5.06 -27.71 23.73
C GLY B 61 -3.55 -27.72 23.93
N ALA B 62 -2.81 -26.72 23.47
CA ALA B 62 -1.34 -26.70 23.68
C ALA B 62 -1.02 -26.12 25.06
N ARG B 63 0.10 -26.56 25.65
CA ARG B 63 0.70 -25.92 26.86
C ARG B 63 2.15 -25.62 26.55
N VAL B 64 2.77 -24.81 27.39
CA VAL B 64 4.14 -24.28 27.16
C VAL B 64 5.11 -25.44 27.31
N ILE B 65 6.11 -25.45 26.45
CA ILE B 65 7.39 -26.17 26.66
C ILE B 65 8.53 -25.16 26.53
N ASP B 66 9.47 -25.21 27.47
CA ASP B 66 10.81 -24.58 27.33
C ASP B 66 11.81 -25.67 26.96
N VAL B 67 12.10 -25.77 25.69
CA VAL B 67 12.97 -26.78 25.03
C VAL B 67 14.46 -26.41 25.25
N LYS B 68 14.75 -25.57 26.25
CA LYS B 68 16.14 -25.38 26.73
C LYS B 68 16.20 -25.68 28.23
N ASP B 69 15.10 -26.04 28.89
CA ASP B 69 15.16 -26.37 30.34
C ASP B 69 15.64 -27.82 30.45
N GLU B 70 16.72 -28.06 31.18
CA GLU B 70 17.46 -29.36 31.10
C GLU B 70 16.53 -30.45 31.63
N SER B 71 15.70 -30.12 32.63
CA SER B 71 14.71 -31.04 33.23
C SER B 71 13.70 -31.38 32.14
N VAL B 72 13.26 -30.37 31.36
CA VAL B 72 12.31 -30.54 30.22
C VAL B 72 12.96 -31.44 29.15
N VAL B 73 14.21 -31.21 28.76
CA VAL B 73 14.82 -32.01 27.65
C VAL B 73 15.04 -33.46 28.13
N ASP B 74 15.20 -33.67 29.45
CA ASP B 74 15.29 -35.04 30.06
C ASP B 74 13.97 -35.76 29.82
N LEU B 75 12.86 -35.14 30.25
CA LEU B 75 11.51 -35.72 30.20
C LEU B 75 11.12 -35.91 28.73
N ILE B 76 11.73 -35.21 27.76
CA ILE B 76 11.41 -35.36 26.30
C ILE B 76 11.99 -36.67 25.81
N ILE B 77 13.29 -36.89 26.02
CA ILE B 77 14.01 -38.05 25.42
C ILE B 77 13.36 -39.34 25.97
N GLU B 78 12.91 -39.33 27.21
CA GLU B 78 12.38 -40.52 27.89
C GLU B 78 10.97 -40.85 27.36
N HIS B 79 10.20 -39.88 26.88
CA HIS B 79 8.71 -40.03 26.78
C HIS B 79 8.19 -39.90 25.35
N TYR B 80 9.01 -39.83 24.30
CA TYR B 80 8.53 -39.65 22.90
C TYR B 80 9.42 -40.38 21.93
N ASP B 81 8.90 -40.76 20.74
CA ASP B 81 9.64 -41.47 19.66
C ASP B 81 10.09 -40.47 18.59
N LEU B 82 9.28 -39.41 18.41
CA LEU B 82 9.41 -38.45 17.28
C LEU B 82 9.05 -37.04 17.79
N VAL B 83 9.79 -36.05 17.32
CA VAL B 83 9.45 -34.63 17.59
C VAL B 83 9.31 -33.94 16.24
N LEU B 84 8.12 -33.37 16.01
CA LEU B 84 7.86 -32.48 14.85
C LEU B 84 7.98 -31.02 15.30
N SER B 85 8.88 -30.28 14.68
CA SER B 85 8.97 -28.80 14.81
C SER B 85 8.18 -28.19 13.65
N VAL B 86 7.15 -27.40 13.98
CA VAL B 86 6.37 -26.70 12.93
C VAL B 86 6.26 -25.20 13.27
N HIS B 87 7.18 -24.38 12.78
CA HIS B 87 7.12 -22.91 12.92
C HIS B 87 7.17 -22.56 14.42
N CYS B 88 8.21 -23.04 15.09
CA CYS B 88 8.41 -22.91 16.54
C CYS B 88 9.52 -21.88 16.71
N LYS B 89 9.41 -21.05 17.73
CA LYS B 89 10.27 -19.86 17.96
C LYS B 89 11.57 -20.23 18.68
N GLN B 90 11.79 -21.52 19.04
CA GLN B 90 13.04 -21.95 19.74
C GLN B 90 13.92 -22.87 18.90
N LEU B 91 15.23 -22.64 19.00
CA LEU B 91 16.30 -23.57 18.58
C LEU B 91 16.34 -24.71 19.60
N PHE B 92 16.28 -25.93 19.09
CA PHE B 92 16.35 -27.21 19.83
C PHE B 92 17.79 -27.38 20.28
N PRO B 93 18.10 -27.67 21.57
CA PRO B 93 19.49 -27.97 21.95
C PRO B 93 20.15 -29.07 21.11
N LYS B 94 21.40 -29.43 21.41
CA LYS B 94 22.10 -30.58 20.80
C LYS B 94 21.62 -31.88 21.44
N ARG B 95 21.57 -31.90 22.78
CA ARG B 95 21.25 -33.10 23.58
C ARG B 95 19.80 -33.54 23.32
N LEU B 96 18.96 -32.65 22.77
CA LEU B 96 17.58 -32.99 22.33
C LEU B 96 17.60 -33.58 20.91
N VAL B 97 18.27 -32.92 19.95
CA VAL B 97 18.13 -33.23 18.49
C VAL B 97 18.86 -34.54 18.16
N GLU B 98 19.80 -34.94 19.02
CA GLU B 98 20.51 -36.26 18.96
C GLU B 98 19.73 -37.26 19.82
N GLY B 99 19.19 -36.82 20.97
CA GLY B 99 18.37 -37.62 21.89
C GLY B 99 17.12 -38.22 21.27
N VAL B 100 16.60 -37.67 20.14
CA VAL B 100 15.41 -38.17 19.37
C VAL B 100 15.52 -37.83 17.88
N ARG B 101 14.70 -38.49 17.05
CA ARG B 101 14.34 -38.03 15.69
C ARG B 101 13.51 -36.74 15.90
N CYS B 102 14.11 -35.62 15.52
CA CYS B 102 13.50 -34.28 15.55
C CYS B 102 13.37 -33.83 14.09
N ILE B 103 12.15 -33.61 13.56
CA ILE B 103 11.89 -33.28 12.11
C ILE B 103 11.28 -31.85 12.00
N ASN B 104 11.73 -30.99 11.08
CA ASN B 104 11.30 -29.56 11.06
C ASN B 104 10.47 -29.33 9.80
N PHE B 105 9.39 -28.54 9.89
CA PHE B 105 8.61 -28.05 8.72
C PHE B 105 8.98 -26.58 8.48
N HIS B 106 9.77 -26.32 7.44
CA HIS B 106 10.41 -25.01 7.17
C HIS B 106 9.73 -24.31 5.97
N PRO B 107 9.31 -23.04 6.15
CA PRO B 107 8.71 -22.27 5.08
C PRO B 107 9.78 -21.61 4.18
N GLY B 108 10.84 -22.36 3.85
CA GLY B 108 11.85 -22.00 2.82
C GLY B 108 12.23 -23.21 1.97
N PHE B 109 12.78 -23.00 0.77
CA PHE B 109 13.29 -24.07 -0.13
C PHE B 109 14.78 -24.25 0.16
N ASN B 110 15.10 -25.10 1.13
CA ASN B 110 16.50 -25.33 1.57
C ASN B 110 17.36 -25.74 0.38
N PRO B 111 18.65 -25.37 0.38
CA PRO B 111 19.26 -24.61 1.47
C PRO B 111 19.32 -23.09 1.19
N PHE B 112 18.41 -22.60 0.35
CA PHE B 112 18.32 -21.16 -0.07
C PHE B 112 17.50 -20.37 0.98
N ASN B 113 18.07 -19.25 1.48
CA ASN B 113 17.42 -18.35 2.47
C ASN B 113 16.95 -19.19 3.65
N ARG B 114 17.84 -19.97 4.24
CA ARG B 114 17.60 -20.64 5.55
C ARG B 114 17.46 -19.55 6.62
N GLY B 115 16.81 -19.88 7.73
CA GLY B 115 16.61 -18.96 8.85
C GLY B 115 15.29 -18.22 8.76
N TRP B 116 15.33 -16.91 8.99
CA TRP B 116 14.14 -16.07 9.28
C TRP B 116 13.47 -15.61 8.00
N TYR B 117 12.16 -15.75 7.95
CA TYR B 117 11.28 -15.14 6.93
C TYR B 117 11.89 -15.35 5.54
N PRO B 118 12.05 -16.62 5.10
CA PRO B 118 12.75 -16.88 3.85
C PRO B 118 12.19 -16.15 2.62
N GLN B 119 10.88 -16.18 2.41
CA GLN B 119 10.20 -15.56 1.26
C GLN B 119 10.58 -14.08 1.16
N ALA B 120 10.86 -13.39 2.28
CA ALA B 120 11.29 -11.98 2.25
C ALA B 120 12.63 -11.90 1.53
N PHE B 121 13.58 -12.76 1.90
CA PHE B 121 14.93 -12.66 1.32
C PHE B 121 14.87 -13.16 -0.12
N SER B 122 13.93 -14.06 -0.46
CA SER B 122 13.77 -14.57 -1.85
C SER B 122 13.28 -13.43 -2.76
N ILE B 123 12.36 -12.61 -2.24
CA ILE B 123 11.89 -11.44 -3.01
C ILE B 123 13.09 -10.54 -3.31
N LEU B 124 14.01 -10.38 -2.37
CA LEU B 124 15.22 -9.54 -2.58
C LEU B 124 16.19 -10.22 -3.56
N ASN B 125 16.58 -11.47 -3.29
CA ASN B 125 17.78 -12.11 -3.91
C ASN B 125 17.38 -13.13 -4.99
N GLY B 126 16.09 -13.27 -5.30
CA GLY B 126 15.59 -14.11 -6.40
C GLY B 126 15.86 -15.60 -6.21
N LEU B 127 16.45 -16.03 -5.09
CA LEU B 127 16.72 -17.47 -4.85
C LEU B 127 15.39 -18.17 -4.57
N PRO B 128 15.26 -19.47 -4.93
CA PRO B 128 14.00 -20.18 -4.74
C PRO B 128 13.38 -20.02 -3.35
N ALA B 129 12.05 -19.98 -3.38
CA ALA B 129 11.18 -19.99 -2.19
C ALA B 129 10.33 -21.27 -2.21
N GLY B 130 9.85 -21.66 -1.04
CA GLY B 130 8.91 -22.78 -0.90
C GLY B 130 8.96 -23.39 0.47
N ALA B 131 8.70 -24.70 0.53
CA ALA B 131 8.59 -25.43 1.80
C ALA B 131 9.50 -26.67 1.75
N THR B 132 10.17 -26.95 2.87
CA THR B 132 11.19 -28.01 3.09
C THR B 132 10.81 -28.74 4.38
N ILE B 133 10.53 -30.05 4.31
CA ILE B 133 10.51 -30.92 5.53
C ILE B 133 11.86 -31.63 5.58
N HIS B 134 12.62 -31.36 6.62
CA HIS B 134 14.05 -31.75 6.66
C HIS B 134 14.26 -32.39 8.02
N VAL B 135 15.10 -33.42 8.09
CA VAL B 135 15.50 -33.95 9.43
C VAL B 135 16.30 -32.83 10.10
N MET B 136 16.20 -32.69 11.41
CA MET B 136 16.85 -31.58 12.14
C MET B 136 18.24 -31.99 12.64
N ASP B 137 19.29 -31.36 12.08
CA ASP B 137 20.68 -31.51 12.56
C ASP B 137 20.99 -30.37 13.54
N GLU B 138 22.27 -30.22 13.90
CA GLU B 138 22.81 -29.31 14.94
C GLU B 138 22.60 -27.84 14.54
N ALA B 139 22.80 -27.52 13.25
CA ALA B 139 22.68 -26.16 12.67
C ALA B 139 21.25 -25.91 12.18
N ILE B 140 20.92 -24.63 11.98
CA ILE B 140 19.54 -24.15 11.67
C ILE B 140 19.21 -24.47 10.20
N ASP B 141 18.14 -25.25 9.99
CA ASP B 141 17.53 -25.56 8.66
C ASP B 141 18.58 -26.19 7.73
N HIS B 142 19.42 -27.09 8.25
CA HIS B 142 20.65 -27.59 7.56
C HIS B 142 20.42 -29.03 7.06
N GLY B 143 19.83 -29.88 7.92
CA GLY B 143 19.82 -31.35 7.83
C GLY B 143 19.25 -31.92 6.54
N HIS B 144 19.36 -33.24 6.42
CA HIS B 144 18.96 -34.02 5.22
C HIS B 144 17.46 -33.82 4.97
N ILE B 145 17.12 -33.61 3.70
CA ILE B 145 15.78 -33.14 3.23
C ILE B 145 14.93 -34.36 2.86
N ILE B 146 13.71 -34.39 3.35
CA ILE B 146 12.75 -35.48 3.08
C ILE B 146 12.03 -35.13 1.78
N VAL B 147 11.30 -33.99 1.78
CA VAL B 147 10.44 -33.53 0.64
C VAL B 147 10.56 -31.99 0.58
N GLN B 148 10.48 -31.40 -0.61
CA GLN B 148 10.38 -29.93 -0.73
C GLN B 148 9.60 -29.60 -2.00
N ARG B 149 8.91 -28.45 -1.99
CA ARG B 149 8.24 -27.92 -3.19
C ARG B 149 8.56 -26.42 -3.31
N GLN B 150 8.99 -25.97 -4.48
CA GLN B 150 9.17 -24.53 -4.78
C GLN B 150 7.78 -23.89 -4.83
N VAL B 151 7.68 -22.62 -4.46
CA VAL B 151 6.49 -21.82 -4.84
C VAL B 151 6.98 -20.71 -5.77
N GLU B 152 6.11 -20.31 -6.69
CA GLU B 152 6.35 -19.21 -7.66
C GLU B 152 6.34 -17.88 -6.88
N VAL B 153 7.38 -17.07 -7.04
CA VAL B 153 7.37 -15.66 -6.56
C VAL B 153 6.80 -14.78 -7.68
N GLY B 154 5.49 -14.52 -7.63
CA GLY B 154 4.80 -13.57 -8.52
C GLY B 154 5.48 -12.20 -8.51
N SER B 155 5.49 -11.52 -9.64
CA SER B 155 6.22 -10.24 -9.81
C SER B 155 5.54 -9.16 -8.95
N GLY B 156 4.24 -9.35 -8.68
CA GLY B 156 3.34 -8.47 -7.92
C GLY B 156 3.17 -8.92 -6.47
N ASP B 157 3.85 -9.98 -6.06
CA ASP B 157 3.70 -10.56 -4.71
C ASP B 157 4.53 -9.77 -3.70
N THR B 158 3.97 -9.65 -2.50
CA THR B 158 4.73 -9.21 -1.30
C THR B 158 5.09 -10.44 -0.46
N SER B 159 5.81 -10.22 0.65
CA SER B 159 6.06 -11.23 1.69
C SER B 159 4.77 -11.96 1.96
N LEU B 160 3.66 -11.24 2.11
CA LEU B 160 2.40 -11.90 2.52
C LEU B 160 1.99 -12.96 1.48
N GLU B 161 2.00 -12.61 0.19
CA GLU B 161 1.41 -13.49 -0.86
C GLU B 161 2.26 -14.77 -0.96
N VAL B 162 3.57 -14.59 -0.95
CA VAL B 162 4.53 -15.72 -1.05
C VAL B 162 4.39 -16.57 0.20
N TYR B 163 4.40 -15.97 1.38
CA TYR B 163 4.24 -16.70 2.65
C TYR B 163 2.94 -17.50 2.60
N ASN B 164 1.81 -16.94 2.18
CA ASN B 164 0.54 -17.68 2.19
C ASN B 164 0.63 -18.88 1.22
N LYS B 165 1.34 -18.71 0.08
CA LYS B 165 1.55 -19.81 -0.92
C LYS B 165 2.38 -20.91 -0.25
N VAL B 166 3.37 -20.55 0.57
CA VAL B 166 4.26 -21.52 1.26
C VAL B 166 3.45 -22.32 2.31
N VAL B 167 2.62 -21.62 3.08
CA VAL B 167 1.78 -22.22 4.16
C VAL B 167 0.84 -23.27 3.54
N GLU B 168 0.29 -22.99 2.36
CA GLU B 168 -0.65 -23.93 1.68
C GLU B 168 0.14 -25.17 1.24
N VAL B 169 1.35 -24.98 0.73
CA VAL B 169 2.22 -26.10 0.26
C VAL B 169 2.60 -26.94 1.48
N GLU B 170 2.99 -26.31 2.59
CA GLU B 170 3.20 -27.00 3.89
C GLU B 170 1.98 -27.84 4.28
N LYS B 171 0.76 -27.31 4.12
CA LYS B 171 -0.46 -28.12 4.43
C LYS B 171 -0.56 -29.27 3.41
N ALA B 172 -0.29 -29.01 2.13
CA ALA B 172 -0.37 -30.03 1.04
C ALA B 172 0.57 -31.18 1.42
N LEU B 173 1.84 -30.84 1.69
CA LEU B 173 2.89 -31.81 2.07
C LEU B 173 2.43 -32.59 3.31
N MET B 174 1.78 -31.96 4.28
CA MET B 174 1.21 -32.73 5.44
C MET B 174 0.19 -33.79 4.97
N HIS B 175 -0.76 -33.45 4.10
CA HIS B 175 -1.78 -34.42 3.61
C HIS B 175 -1.04 -35.52 2.84
N GLU B 176 -0.02 -35.19 2.05
CA GLU B 176 0.63 -36.16 1.14
C GLU B 176 1.58 -37.08 1.90
N CYS B 177 2.33 -36.58 2.88
CA CYS B 177 3.60 -37.21 3.31
C CYS B 177 3.58 -37.62 4.78
N LEU B 178 2.53 -37.35 5.54
CA LEU B 178 2.63 -37.48 7.02
C LEU B 178 2.81 -38.95 7.42
N ALA B 179 1.96 -39.86 6.92
CA ALA B 179 2.04 -41.33 7.16
C ALA B 179 3.50 -41.80 7.02
N ASP B 180 4.08 -41.59 5.84
CA ASP B 180 5.50 -41.93 5.53
C ASP B 180 6.47 -41.23 6.47
N ILE B 181 6.15 -40.01 6.92
CA ILE B 181 7.06 -39.25 7.84
C ILE B 181 7.00 -39.92 9.21
N LEU B 182 5.82 -40.24 9.71
CA LEU B 182 5.74 -40.84 11.08
C LEU B 182 6.39 -42.25 11.10
N GLN B 183 6.44 -42.93 9.93
CA GLN B 183 6.78 -44.38 9.79
C GLN B 183 8.17 -44.55 9.15
N GLY B 184 8.92 -43.47 8.95
CA GLY B 184 10.31 -43.56 8.46
C GLY B 184 10.39 -43.85 6.97
N GLN B 185 9.30 -43.74 6.22
CA GLN B 185 9.25 -44.26 4.83
C GLN B 185 9.78 -43.22 3.81
N TYR B 186 11.06 -42.82 3.88
CA TYR B 186 11.65 -41.82 2.93
C TYR B 186 13.17 -41.96 2.76
N GLU B 187 13.66 -41.53 1.58
CA GLU B 187 15.11 -41.34 1.26
C GLU B 187 15.50 -39.87 1.48
N VAL B 188 15.97 -39.50 2.68
CA VAL B 188 16.56 -38.14 2.96
C VAL B 188 17.73 -37.90 2.00
N PHE B 189 17.95 -36.66 1.54
CA PHE B 189 19.13 -36.29 0.70
C PHE B 189 19.83 -35.04 1.25
N LYS B 190 21.15 -34.99 1.10
CA LYS B 190 21.99 -33.78 1.28
C LYS B 190 21.63 -32.75 0.22
N PRO B 191 21.40 -31.48 0.62
CA PRO B 191 21.24 -30.41 -0.37
C PRO B 191 22.51 -30.21 -1.21
N LEU B 192 22.38 -29.95 -2.52
CA LEU B 192 23.49 -29.87 -3.51
C LEU B 192 24.58 -28.91 -3.01
N SER B 193 24.29 -28.01 -2.08
CA SER B 193 25.30 -27.19 -1.35
C SER B 193 24.74 -26.88 0.03
N GLU B 194 25.16 -25.81 0.67
CA GLU B 194 24.56 -25.39 1.97
C GLU B 194 23.98 -23.98 1.81
N GLY B 195 23.81 -23.51 0.57
CA GLY B 195 23.28 -22.18 0.23
C GLY B 195 23.64 -21.12 1.29
N ASN B 196 22.65 -20.37 1.78
CA ASN B 196 22.87 -19.14 2.59
C ASN B 196 21.91 -19.10 3.78
N TYR B 197 22.34 -18.49 4.90
CA TYR B 197 21.52 -18.29 6.12
C TYR B 197 21.17 -16.79 6.34
N ASN B 198 19.99 -16.48 6.92
CA ASN B 198 19.57 -15.09 7.28
C ASN B 198 19.06 -15.02 8.72
N GLY B 199 19.75 -14.25 9.58
CA GLY B 199 19.35 -14.01 10.98
C GLY B 199 18.29 -12.93 11.10
N ILE B 200 17.75 -12.71 12.31
CA ILE B 200 16.71 -11.67 12.56
C ILE B 200 17.35 -10.30 12.40
N LYS B 201 18.64 -10.20 12.70
CA LYS B 201 19.48 -9.00 12.48
C LYS B 201 19.31 -8.54 11.02
N ALA B 202 19.52 -9.44 10.05
CA ALA B 202 19.55 -9.10 8.60
C ALA B 202 18.19 -8.56 8.17
N TYR B 203 17.08 -9.16 8.63
CA TYR B 203 15.73 -8.68 8.29
C TYR B 203 15.52 -7.29 8.91
N ASN B 204 15.83 -7.09 10.21
CA ASN B 204 15.69 -5.75 10.82
C ASN B 204 16.57 -4.72 10.11
N GLU B 205 17.75 -5.10 9.62
CA GLU B 205 18.62 -4.20 8.80
C GLU B 205 17.92 -3.83 7.48
N LEU B 206 17.12 -4.71 6.89
CA LEU B 206 16.31 -4.35 5.68
C LEU B 206 15.28 -3.30 6.07
N CYS B 207 14.62 -3.52 7.21
CA CYS B 207 13.51 -2.68 7.68
C CYS B 207 14.03 -1.24 7.93
N GLN B 208 15.27 -1.09 8.36
CA GLN B 208 15.84 0.24 8.67
C GLN B 208 16.26 0.89 7.34
N LEU B 209 15.30 1.54 6.68
CA LEU B 209 15.53 2.11 5.32
C LEU B 209 16.55 3.22 5.43
N ASP B 210 17.41 3.30 4.43
CA ASP B 210 18.35 4.45 4.30
C ASP B 210 17.85 5.27 3.11
N LEU B 211 17.27 6.46 3.32
CA LEU B 211 16.67 7.27 2.22
C LEU B 211 17.74 7.82 1.26
N GLU B 212 19.01 7.85 1.66
CA GLU B 212 20.15 8.36 0.87
C GLU B 212 20.75 7.26 0.01
N GLU B 213 20.39 5.99 0.21
CA GLU B 213 20.99 4.85 -0.53
C GLU B 213 20.54 4.94 -1.99
N THR B 214 21.45 4.65 -2.92
CA THR B 214 21.25 4.77 -4.39
C THR B 214 21.13 3.38 -5.01
N GLY B 215 20.22 3.19 -5.95
CA GLY B 215 20.00 1.92 -6.68
C GLY B 215 18.87 2.01 -7.68
N SER B 216 18.56 0.89 -8.33
CA SER B 216 17.48 0.78 -9.33
C SER B 216 16.13 0.83 -8.60
N LEU B 217 15.11 1.33 -9.31
CA LEU B 217 13.73 1.39 -8.81
C LEU B 217 13.24 -0.03 -8.60
N ARG B 218 13.66 -0.95 -9.47
CA ARG B 218 13.46 -2.41 -9.28
C ARG B 218 13.98 -2.82 -7.90
N ASP B 219 15.23 -2.49 -7.57
CA ASP B 219 15.88 -2.87 -6.29
C ASP B 219 15.04 -2.28 -5.13
N HIS B 220 14.59 -1.03 -5.27
CA HIS B 220 13.85 -0.32 -4.19
C HIS B 220 12.47 -0.92 -4.04
N ILE B 221 11.78 -1.12 -5.15
CA ILE B 221 10.46 -1.81 -5.09
C ILE B 221 10.65 -3.21 -4.45
N ASN B 222 11.72 -3.96 -4.79
CA ASN B 222 11.93 -5.34 -4.29
C ASN B 222 12.20 -5.27 -2.76
N LEU B 223 12.94 -4.27 -2.28
CA LEU B 223 13.12 -4.04 -0.82
C LEU B 223 11.75 -3.78 -0.16
N LEU B 224 10.91 -2.90 -0.70
CA LEU B 224 9.57 -2.66 -0.12
C LEU B 224 8.72 -3.93 -0.18
N ARG B 225 8.70 -4.64 -1.31
CA ARG B 225 7.90 -5.88 -1.44
C ARG B 225 8.31 -6.88 -0.35
N ALA B 226 9.62 -7.09 -0.19
CA ALA B 226 10.25 -8.04 0.75
C ALA B 226 9.80 -7.76 2.18
N THR B 227 9.65 -6.47 2.51
CA THR B 227 9.35 -5.97 3.88
C THR B 227 7.86 -5.62 4.02
N SER B 228 7.04 -5.88 3.01
CA SER B 228 5.59 -5.65 3.08
C SER B 228 4.87 -6.97 3.41
N HIS B 229 4.09 -7.00 4.49
CA HIS B 229 3.39 -8.23 4.94
C HIS B 229 2.11 -7.86 5.68
N GLY B 230 1.05 -7.55 4.93
CA GLY B 230 -0.24 -7.16 5.52
C GLY B 230 -0.03 -6.09 6.61
N ASP B 231 -0.63 -6.26 7.79
CA ASP B 231 -0.63 -5.28 8.91
C ASP B 231 0.63 -5.31 9.78
N PHE B 232 1.66 -6.11 9.49
CA PHE B 232 2.95 -5.98 10.25
C PHE B 232 3.57 -4.62 9.90
N LYS B 233 4.03 -3.92 10.91
CA LYS B 233 4.81 -2.67 10.80
C LYS B 233 6.26 -3.06 10.67
N ASN B 234 6.76 -3.08 9.43
CA ASN B 234 8.10 -3.55 9.07
C ASN B 234 9.02 -2.36 8.72
N ALA B 235 9.05 -1.94 7.45
CA ALA B 235 10.04 -0.97 6.97
C ALA B 235 9.61 0.42 7.43
N TYR B 236 10.59 1.26 7.71
CA TYR B 236 10.35 2.61 8.25
C TYR B 236 11.51 3.51 7.84
N PHE B 237 11.21 4.80 7.78
CA PHE B 237 12.21 5.88 7.66
C PHE B 237 11.91 6.88 8.77
N ILE B 238 12.92 7.70 9.05
CA ILE B 238 12.85 8.84 9.99
C ILE B 238 13.13 10.10 9.17
N ASP B 239 12.23 11.08 9.19
CA ASP B 239 12.38 12.35 8.44
C ASP B 239 13.32 13.28 9.24
N GLU B 240 13.52 14.51 8.76
CA GLU B 240 14.47 15.52 9.31
C GLU B 240 14.08 15.84 10.75
N SER B 241 12.79 15.90 11.07
CA SER B 241 12.32 16.29 12.42
C SER B 241 12.43 15.11 13.40
N GLY B 242 12.87 13.93 12.94
CA GLY B 242 12.96 12.71 13.76
C GLY B 242 11.62 11.94 13.88
N ASP B 243 10.60 12.25 13.06
CA ASP B 243 9.33 11.49 13.02
C ASP B 243 9.54 10.19 12.21
N LYS B 244 9.06 9.08 12.77
CA LYS B 244 9.17 7.74 12.17
C LYS B 244 7.87 7.41 11.43
N TYR B 245 8.02 6.91 10.22
CA TYR B 245 6.89 6.42 9.40
C TYR B 245 7.19 5.01 8.94
N PHE B 246 6.19 4.15 9.04
CA PHE B 246 6.27 2.81 8.42
C PHE B 246 5.75 3.01 7.00
N ILE B 247 6.35 2.29 6.06
CA ILE B 247 5.95 2.29 4.63
C ILE B 247 5.86 0.84 4.14
N LYS B 248 4.77 0.51 3.44
CA LYS B 248 4.64 -0.74 2.69
C LYS B 248 4.16 -0.45 1.26
N VAL B 249 4.23 -1.47 0.39
CA VAL B 249 3.67 -1.42 -1.00
C VAL B 249 2.50 -2.38 -1.08
N VAL B 250 1.53 -1.99 -1.89
CA VAL B 250 0.30 -2.75 -2.18
C VAL B 250 0.28 -2.79 -3.71
N LEU B 251 0.17 -3.99 -4.27
CA LEU B 251 0.23 -4.22 -5.73
C LEU B 251 -1.04 -4.94 -6.16
N GLU B 252 -1.40 -4.78 -7.44
CA GLU B 252 -2.61 -5.34 -8.07
C GLU B 252 -2.33 -5.56 -9.56
N LYS B 253 -2.46 -6.79 -10.04
CA LYS B 253 -2.45 -7.14 -11.49
C LYS B 253 -3.54 -6.34 -12.20
N ALA B 254 -3.22 -5.69 -13.32
CA ALA B 254 -4.19 -4.94 -14.15
C ALA B 254 -5.34 -5.85 -14.65
N LEU B 255 -6.60 -5.36 -14.63
CA LEU B 255 -7.83 -6.06 -15.10
C LEU B 255 -8.29 -5.47 -16.44
#